data_4U5V
#
_entry.id   4U5V
#
_cell.length_a   79.041
_cell.length_b   90.828
_cell.length_c   99.745
_cell.angle_alpha   90.000
_cell.angle_beta   90.000
_cell.angle_gamma   90.000
#
_symmetry.space_group_name_H-M   'P 21 21 21'
#
loop_
_entity.id
_entity.type
_entity.pdbx_description
1 polymer 'Importin subunit alpha-1'
2 non-polymer N~2~-{[5-(pyridin-3-yl)thiophen-2-yl]methyl}-L-lysinamide
3 water water
#
_entity_poly.entity_id   1
_entity_poly.type   'polypeptide(L)'
_entity_poly.pdbx_seq_one_letter_code
;GTVNWSVEDIVKGINSNNLESQLQATQAARKLLSREKQPPIDNIIRAGLIPKFVSFLGKTDCSPIQFESAWALTNIASGT
SEQTKAVVDGGAIPAFISLLASPHAHISEQAVWALGNIAGDGSAFRDLVIKHGAIDPLLALLAVPDLSTLACGYLRNLTW
TLSNLCRNKNPAPPLDAVEQILPTLVRLLHHNDPEVLADSCWAISYLTDGPNERIEMVVKKGVVPQLVKLLGATELPIVT
PALRAIGNIVTGTDEQTQKVIDAGALAVFPSLLTNPKTNIQKEATWTMSNITAGRQDQIQQVVNHGLVPFLVGVLSKADF
KTQKEAAWAITNYTSGGTVEQIVYLVHCGIIEPLMNLLSAKDTKIIQVILDAISNIFQAAEKLGETEKLSIMIEECGGLD
KIEALQRHENESVYKASLNLIEKYFS
;
_entity_poly.pdbx_strand_id   A
#
loop_
_chem_comp.id
_chem_comp.type
_chem_comp.name
_chem_comp.formula
RH2 non-polymer N~2~-{[5-(pyridin-3-yl)thiophen-2-yl]methyl}-L-lysinamide 'C16 H22 N4 O S'
#
# COMPACT_ATOMS: atom_id res chain seq x y z
N GLY A 1 -8.25 -39.80 16.71
CA GLY A 1 -9.59 -39.60 16.19
C GLY A 1 -9.61 -39.19 14.71
N THR A 2 -9.30 -37.93 14.45
CA THR A 2 -9.32 -37.42 13.08
C THR A 2 -7.95 -36.88 12.66
N VAL A 3 -6.89 -37.46 13.22
CA VAL A 3 -5.53 -37.01 12.92
C VAL A 3 -4.93 -37.92 11.84
N ASN A 4 -4.55 -37.32 10.71
CA ASN A 4 -3.91 -38.01 9.57
C ASN A 4 -4.73 -39.00 8.74
N TRP A 5 -6.00 -38.73 8.46
CA TRP A 5 -6.76 -39.58 7.55
C TRP A 5 -6.22 -39.44 6.13
N SER A 6 -6.43 -40.48 5.33
CA SER A 6 -6.21 -40.40 3.90
C SER A 6 -7.42 -39.73 3.22
N VAL A 7 -7.22 -39.20 2.02
CA VAL A 7 -8.31 -38.62 1.26
C VAL A 7 -9.38 -39.68 0.96
N GLU A 8 -8.94 -40.90 0.66
CA GLU A 8 -9.87 -41.99 0.38
C GLU A 8 -10.85 -42.21 1.54
N ASP A 9 -10.35 -42.21 2.78
CA ASP A 9 -11.25 -42.42 3.92
C ASP A 9 -12.15 -41.22 4.18
N ILE A 10 -11.61 -40.03 3.91
CA ILE A 10 -12.39 -38.81 4.00
C ILE A 10 -13.54 -38.87 3.00
N VAL A 11 -13.26 -39.33 1.77
CA VAL A 11 -14.30 -39.45 0.77
C VAL A 11 -15.36 -40.47 1.21
N LYS A 12 -14.93 -41.61 1.73
CA LYS A 12 -15.92 -42.62 2.14
C LYS A 12 -16.80 -42.11 3.28
N GLY A 13 -16.22 -41.37 4.21
CA GLY A 13 -17.01 -40.79 5.29
C GLY A 13 -18.01 -39.74 4.84
N ILE A 14 -17.56 -38.83 3.97
CA ILE A 14 -18.40 -37.75 3.51
C ILE A 14 -19.52 -38.29 2.63
N ASN A 15 -19.24 -39.36 1.90
CA ASN A 15 -20.22 -40.01 1.05
C ASN A 15 -21.23 -40.89 1.77
N SER A 16 -20.97 -41.20 3.04
CA SER A 16 -21.89 -42.03 3.80
C SER A 16 -23.19 -41.31 4.08
N ASN A 17 -24.25 -42.03 4.37
CA ASN A 17 -25.49 -41.33 4.62
C ASN A 17 -25.70 -41.20 6.12
N ASN A 18 -24.73 -40.58 6.79
CA ASN A 18 -24.76 -40.52 8.24
C ASN A 18 -24.10 -39.21 8.63
N LEU A 19 -24.92 -38.27 9.09
CA LEU A 19 -24.44 -36.94 9.45
C LEU A 19 -23.24 -36.93 10.39
N GLU A 20 -23.25 -37.81 11.39
CA GLU A 20 -22.12 -37.95 12.29
C GLU A 20 -20.87 -38.49 11.59
N SER A 21 -21.04 -39.47 10.71
CA SER A 21 -19.90 -39.93 9.93
C SER A 21 -19.39 -38.80 9.04
N GLN A 22 -20.31 -38.01 8.51
CA GLN A 22 -19.95 -36.89 7.67
C GLN A 22 -19.19 -35.82 8.44
N LEU A 23 -19.67 -35.52 9.63
CA LEU A 23 -19.01 -34.56 10.50
C LEU A 23 -17.58 -34.98 10.81
N GLN A 24 -17.41 -36.24 11.18
CA GLN A 24 -16.10 -36.76 11.54
C GLN A 24 -15.13 -36.72 10.33
N ALA A 25 -15.63 -37.07 9.15
CA ALA A 25 -14.81 -36.99 7.94
C ALA A 25 -14.46 -35.54 7.56
N THR A 26 -15.39 -34.61 7.73
CA THR A 26 -15.13 -33.20 7.43
C THR A 26 -14.09 -32.61 8.36
N GLN A 27 -14.17 -32.99 9.65
CA GLN A 27 -13.16 -32.57 10.60
C GLN A 27 -11.80 -33.13 10.23
N ALA A 28 -11.76 -34.41 9.84
CA ALA A 28 -10.52 -34.98 9.31
C ALA A 28 -9.98 -34.16 8.13
N ALA A 29 -10.86 -33.75 7.22
CA ALA A 29 -10.43 -33.01 6.04
C ALA A 29 -9.88 -31.65 6.43
N ARG A 30 -10.53 -31.04 7.40
CA ARG A 30 -10.13 -29.74 7.91
C ARG A 30 -8.71 -29.80 8.50
N LYS A 31 -8.40 -30.85 9.26
CA LYS A 31 -7.09 -30.98 9.89
C LYS A 31 -5.99 -31.25 8.87
N LEU A 32 -6.29 -32.08 7.88
CA LEU A 32 -5.39 -32.32 6.75
C LEU A 32 -5.06 -31.03 6.01
N LEU A 33 -6.09 -30.25 5.71
CA LEU A 33 -5.89 -29.02 4.97
C LEU A 33 -5.19 -27.96 5.83
N SER A 34 -5.08 -28.21 7.14
CA SER A 34 -4.47 -27.24 8.04
C SER A 34 -3.00 -27.52 8.33
N ARG A 35 -2.47 -28.66 7.88
CA ARG A 35 -1.09 -29.01 8.23
C ARG A 35 -0.09 -28.08 7.53
N GLU A 36 0.99 -27.76 8.25
CA GLU A 36 2.00 -26.82 7.77
C GLU A 36 2.72 -27.35 6.53
N LYS A 37 3.11 -28.62 6.59
CA LYS A 37 3.86 -29.21 5.51
C LYS A 37 2.97 -29.57 4.32
N GLN A 38 2.91 -28.66 3.35
CA GLN A 38 2.25 -28.88 2.05
C GLN A 38 0.87 -29.55 2.13
N PRO A 39 -0.15 -28.74 2.45
CA PRO A 39 -1.53 -29.20 2.54
C PRO A 39 -2.03 -29.77 1.21
N PRO A 40 -2.59 -30.99 1.22
CA PRO A 40 -3.07 -31.62 -0.02
C PRO A 40 -4.36 -31.00 -0.56
N ILE A 41 -4.35 -29.70 -0.85
CA ILE A 41 -5.54 -29.01 -1.34
C ILE A 41 -6.05 -29.59 -2.67
N ASP A 42 -5.16 -29.79 -3.64
CA ASP A 42 -5.57 -30.22 -4.96
C ASP A 42 -6.15 -31.64 -4.98
N ASN A 43 -5.64 -32.52 -4.13
CA ASN A 43 -6.22 -33.85 -4.01
C ASN A 43 -7.65 -33.78 -3.45
N ILE A 44 -7.85 -32.89 -2.49
CA ILE A 44 -9.18 -32.66 -1.91
C ILE A 44 -10.12 -32.14 -2.99
N ILE A 45 -9.64 -31.16 -3.75
CA ILE A 45 -10.44 -30.61 -4.82
C ILE A 45 -10.76 -31.69 -5.86
N ARG A 46 -9.74 -32.41 -6.29
CA ARG A 46 -9.91 -33.47 -7.29
C ARG A 46 -10.90 -34.55 -6.86
N ALA A 47 -10.93 -34.82 -5.56
CA ALA A 47 -11.84 -35.80 -4.99
C ALA A 47 -13.29 -35.36 -5.05
N GLY A 48 -13.51 -34.11 -5.45
CA GLY A 48 -14.87 -33.59 -5.57
C GLY A 48 -15.53 -33.18 -4.26
N LEU A 49 -14.75 -32.81 -3.25
CA LEU A 49 -15.30 -32.51 -1.93
C LEU A 49 -15.86 -31.09 -1.76
N ILE A 50 -15.43 -30.13 -2.58
CA ILE A 50 -15.89 -28.75 -2.40
C ILE A 50 -17.41 -28.58 -2.41
N PRO A 51 -18.11 -29.25 -3.36
CA PRO A 51 -19.58 -29.07 -3.33
C PRO A 51 -20.24 -29.65 -2.08
N LYS A 52 -19.69 -30.72 -1.54
CA LYS A 52 -20.25 -31.31 -0.34
C LYS A 52 -20.00 -30.41 0.88
N PHE A 53 -18.77 -29.89 1.01
CA PHE A 53 -18.43 -28.88 2.02
C PHE A 53 -19.41 -27.71 1.91
N VAL A 54 -19.63 -27.25 0.69
CA VAL A 54 -20.55 -26.14 0.50
C VAL A 54 -21.96 -26.53 0.96
N SER A 55 -22.42 -27.75 0.67
CA SER A 55 -23.79 -28.09 1.09
C SER A 55 -23.86 -28.11 2.62
N PHE A 56 -22.77 -28.56 3.25
CA PHE A 56 -22.68 -28.59 4.72
C PHE A 56 -22.76 -27.20 5.37
N LEU A 57 -22.36 -26.17 4.63
CA LEU A 57 -22.45 -24.79 5.12
C LEU A 57 -23.88 -24.45 5.50
N GLY A 58 -24.82 -25.09 4.82
CA GLY A 58 -26.23 -24.78 4.95
C GLY A 58 -26.99 -25.56 6.02
N LYS A 59 -26.31 -26.48 6.70
CA LYS A 59 -26.98 -27.30 7.70
C LYS A 59 -27.11 -26.58 9.04
N THR A 60 -28.18 -25.82 9.19
CA THR A 60 -28.41 -25.05 10.41
C THR A 60 -28.52 -25.93 11.64
N ASP A 61 -29.04 -27.13 11.44
CA ASP A 61 -29.30 -28.05 12.55
C ASP A 61 -28.02 -28.75 13.05
N CYS A 62 -26.94 -28.64 12.30
CA CYS A 62 -25.67 -29.22 12.77
C CYS A 62 -24.55 -28.17 12.72
N SER A 63 -24.49 -27.30 13.72
CA SER A 63 -23.49 -26.24 13.69
C SER A 63 -22.02 -26.74 13.64
N PRO A 64 -21.68 -27.87 14.32
CA PRO A 64 -20.28 -28.28 14.17
C PRO A 64 -19.83 -28.66 12.73
N ILE A 65 -20.73 -29.21 11.91
CA ILE A 65 -20.31 -29.52 10.54
C ILE A 65 -20.27 -28.23 9.70
N GLN A 66 -21.09 -27.26 10.07
CA GLN A 66 -21.02 -25.92 9.48
C GLN A 66 -19.65 -25.30 9.71
N PHE A 67 -19.23 -25.31 10.97
CA PHE A 67 -17.93 -24.81 11.36
C PHE A 67 -16.81 -25.57 10.64
N GLU A 68 -16.86 -26.89 10.65
CA GLU A 68 -15.76 -27.68 10.07
C GLU A 68 -15.64 -27.57 8.53
N SER A 69 -16.76 -27.52 7.83
CA SER A 69 -16.68 -27.34 6.39
C SER A 69 -16.23 -25.90 6.06
N ALA A 70 -16.63 -24.93 6.88
CA ALA A 70 -16.25 -23.54 6.65
C ALA A 70 -14.73 -23.39 6.75
N TRP A 71 -14.16 -24.00 7.78
CA TRP A 71 -12.72 -24.00 7.98
C TRP A 71 -11.98 -24.75 6.87
N ALA A 72 -12.47 -25.95 6.54
CA ALA A 72 -11.91 -26.68 5.40
C ALA A 72 -11.89 -25.80 4.14
N LEU A 73 -13.01 -25.13 3.87
CA LEU A 73 -13.15 -24.32 2.65
C LEU A 73 -12.24 -23.11 2.69
N THR A 74 -12.07 -22.60 3.90
CA THR A 74 -11.26 -21.45 4.12
C THR A 74 -9.79 -21.75 3.84
N ASN A 75 -9.37 -22.96 4.23
CA ASN A 75 -8.03 -23.40 3.96
C ASN A 75 -7.80 -23.47 2.46
N ILE A 76 -8.81 -23.88 1.71
CA ILE A 76 -8.68 -24.01 0.26
C ILE A 76 -8.71 -22.62 -0.38
N ALA A 77 -9.61 -21.75 0.10
CA ALA A 77 -9.77 -20.40 -0.45
C ALA A 77 -8.57 -19.49 -0.16
N SER A 78 -7.76 -19.84 0.83
CA SER A 78 -6.56 -19.07 1.11
C SER A 78 -5.34 -19.56 0.31
N GLY A 79 -5.53 -20.49 -0.60
CA GLY A 79 -4.44 -21.00 -1.40
C GLY A 79 -4.22 -20.18 -2.65
N THR A 80 -3.97 -20.89 -3.77
CA THR A 80 -3.73 -20.23 -5.04
C THR A 80 -5.00 -19.65 -5.60
N SER A 81 -4.87 -18.90 -6.68
CA SER A 81 -6.05 -18.27 -7.26
C SER A 81 -6.95 -19.31 -7.92
N GLU A 82 -6.38 -20.39 -8.44
CA GLU A 82 -7.20 -21.43 -9.03
C GLU A 82 -7.96 -22.21 -7.95
N GLN A 83 -7.33 -22.40 -6.82
CA GLN A 83 -7.99 -23.07 -5.71
C GLN A 83 -9.14 -22.18 -5.18
N THR A 84 -8.91 -20.87 -5.11
CA THR A 84 -9.96 -19.93 -4.65
C THR A 84 -11.15 -19.96 -5.61
N LYS A 85 -10.84 -19.97 -6.90
CA LYS A 85 -11.85 -20.10 -7.94
C LYS A 85 -12.73 -21.34 -7.76
N ALA A 86 -12.10 -22.47 -7.42
CA ALA A 86 -12.81 -23.73 -7.19
C ALA A 86 -13.88 -23.60 -6.11
N VAL A 87 -13.54 -22.88 -5.04
CA VAL A 87 -14.44 -22.59 -3.93
C VAL A 87 -15.61 -21.70 -4.37
N VAL A 88 -15.30 -20.69 -5.18
CA VAL A 88 -16.36 -19.81 -5.67
C VAL A 88 -17.28 -20.59 -6.62
N ASP A 89 -16.71 -21.42 -7.48
CA ASP A 89 -17.52 -22.20 -8.42
C ASP A 89 -18.41 -23.21 -7.72
N GLY A 90 -18.03 -23.59 -6.52
CA GLY A 90 -18.82 -24.49 -5.70
C GLY A 90 -20.04 -23.84 -5.07
N GLY A 91 -20.21 -22.53 -5.23
CA GLY A 91 -21.34 -21.80 -4.66
C GLY A 91 -21.09 -21.16 -3.28
N ALA A 92 -19.82 -21.01 -2.92
CA ALA A 92 -19.51 -20.74 -1.53
C ALA A 92 -19.81 -19.31 -1.11
N ILE A 93 -19.78 -18.37 -2.06
CA ILE A 93 -19.92 -16.97 -1.67
C ILE A 93 -21.25 -16.70 -0.93
N PRO A 94 -22.41 -17.09 -1.52
CA PRO A 94 -23.61 -16.75 -0.75
C PRO A 94 -23.83 -17.61 0.48
N ALA A 95 -23.32 -18.84 0.46
CA ALA A 95 -23.41 -19.68 1.62
C ALA A 95 -22.65 -19.04 2.78
N PHE A 96 -21.49 -18.46 2.52
CA PHE A 96 -20.73 -17.79 3.57
C PHE A 96 -21.41 -16.49 4.03
N ILE A 97 -22.03 -15.78 3.09
CA ILE A 97 -22.69 -14.54 3.48
C ILE A 97 -23.86 -14.86 4.42
N SER A 98 -24.54 -15.97 4.20
CA SER A 98 -25.61 -16.39 5.12
C SER A 98 -25.09 -16.78 6.50
N LEU A 99 -23.84 -17.21 6.56
CA LEU A 99 -23.23 -17.59 7.81
C LEU A 99 -22.74 -16.41 8.62
N LEU A 100 -22.66 -15.22 8.02
CA LEU A 100 -22.25 -14.04 8.79
C LEU A 100 -23.18 -13.81 9.98
N ALA A 101 -24.46 -14.11 9.81
CA ALA A 101 -25.43 -13.84 10.87
C ALA A 101 -25.62 -15.03 11.84
N SER A 102 -24.69 -15.98 11.80
CA SER A 102 -24.80 -17.17 12.65
C SER A 102 -24.76 -16.76 14.12
N PRO A 103 -25.60 -17.40 14.95
CA PRO A 103 -25.58 -17.07 16.37
C PRO A 103 -24.28 -17.55 17.00
N HIS A 104 -23.56 -18.44 16.31
CA HIS A 104 -22.27 -18.91 16.79
C HIS A 104 -21.13 -18.03 16.29
N ALA A 105 -20.39 -17.40 17.21
CA ALA A 105 -19.33 -16.46 16.82
C ALA A 105 -18.23 -17.13 15.99
N HIS A 106 -17.74 -18.27 16.44
CA HIS A 106 -16.74 -19.04 15.69
C HIS A 106 -17.15 -19.32 14.23
N ILE A 107 -18.44 -19.49 13.98
CA ILE A 107 -18.87 -19.79 12.61
C ILE A 107 -18.90 -18.49 11.80
N SER A 108 -19.52 -17.46 12.36
CA SER A 108 -19.49 -16.10 11.77
C SER A 108 -18.10 -15.60 11.41
N GLU A 109 -17.19 -15.71 12.35
CA GLU A 109 -15.80 -15.34 12.13
C GLU A 109 -15.14 -16.16 10.99
N GLN A 110 -15.46 -17.44 10.92
CA GLN A 110 -14.98 -18.30 9.85
C GLN A 110 -15.48 -17.79 8.49
N ALA A 111 -16.75 -17.43 8.41
CA ALA A 111 -17.32 -16.81 7.21
C ALA A 111 -16.67 -15.45 6.86
N VAL A 112 -16.37 -14.66 7.88
CA VAL A 112 -15.67 -13.40 7.66
C VAL A 112 -14.31 -13.65 6.99
N TRP A 113 -13.56 -14.61 7.52
CA TRP A 113 -12.23 -14.93 7.02
C TRP A 113 -12.30 -15.48 5.59
N ALA A 114 -13.28 -16.33 5.33
CA ALA A 114 -13.42 -16.96 4.01
C ALA A 114 -13.68 -15.89 2.94
N LEU A 115 -14.59 -14.98 3.26
CA LEU A 115 -14.96 -13.88 2.38
C LEU A 115 -13.79 -12.94 2.12
N GLY A 116 -12.96 -12.69 3.13
CA GLY A 116 -11.80 -11.85 2.93
C GLY A 116 -10.81 -12.49 1.97
N ASN A 117 -10.63 -13.80 2.07
CA ASN A 117 -9.72 -14.51 1.18
C ASN A 117 -10.28 -14.54 -0.23
N ILE A 118 -11.58 -14.70 -0.36
CA ILE A 118 -12.17 -14.73 -1.70
C ILE A 118 -12.09 -13.33 -2.33
N ALA A 119 -12.49 -12.32 -1.58
CA ALA A 119 -12.47 -10.97 -2.13
C ALA A 119 -11.05 -10.53 -2.40
N GLY A 120 -10.12 -10.99 -1.56
CA GLY A 120 -8.73 -10.57 -1.66
C GLY A 120 -7.99 -11.12 -2.87
N ASP A 121 -8.57 -12.13 -3.51
CA ASP A 121 -7.94 -12.76 -4.66
C ASP A 121 -7.78 -11.89 -5.91
N GLY A 122 -8.65 -10.88 -6.07
CA GLY A 122 -8.59 -10.07 -7.27
C GLY A 122 -9.86 -9.27 -7.46
N SER A 123 -9.83 -8.33 -8.40
CA SER A 123 -10.93 -7.39 -8.60
C SER A 123 -12.28 -8.05 -8.89
N ALA A 124 -12.27 -9.08 -9.74
CA ALA A 124 -13.50 -9.74 -10.17
C ALA A 124 -14.21 -10.38 -8.97
N PHE A 125 -13.47 -11.17 -8.19
CA PHE A 125 -14.05 -11.82 -7.03
C PHE A 125 -14.43 -10.80 -5.96
N ARG A 126 -13.62 -9.75 -5.81
CA ARG A 126 -13.95 -8.66 -4.90
C ARG A 126 -15.35 -8.15 -5.23
N ASP A 127 -15.54 -7.80 -6.50
CA ASP A 127 -16.81 -7.19 -6.91
C ASP A 127 -17.95 -8.20 -6.88
N LEU A 128 -17.62 -9.47 -7.10
CA LEU A 128 -18.62 -10.53 -6.98
C LEU A 128 -19.11 -10.70 -5.52
N VAL A 129 -18.18 -10.69 -4.59
CA VAL A 129 -18.55 -10.71 -3.15
C VAL A 129 -19.48 -9.53 -2.81
N ILE A 130 -19.15 -8.35 -3.33
CA ILE A 130 -19.97 -7.18 -3.08
C ILE A 130 -21.38 -7.32 -3.70
N LYS A 131 -21.44 -7.81 -4.94
CA LYS A 131 -22.75 -8.01 -5.60
C LYS A 131 -23.65 -8.97 -4.86
N HIS A 132 -23.08 -10.00 -4.24
CA HIS A 132 -23.87 -10.95 -3.43
C HIS A 132 -24.31 -10.33 -2.10
N GLY A 133 -23.83 -9.13 -1.81
CA GLY A 133 -24.31 -8.36 -0.67
C GLY A 133 -23.57 -8.63 0.63
N ALA A 134 -22.24 -8.75 0.58
CA ALA A 134 -21.54 -9.03 1.84
C ALA A 134 -21.39 -7.82 2.75
N ILE A 135 -21.43 -6.61 2.19
CA ILE A 135 -21.00 -5.44 2.97
C ILE A 135 -21.95 -5.11 4.11
N ASP A 136 -23.26 -5.09 3.86
CA ASP A 136 -24.20 -4.81 4.95
C ASP A 136 -24.05 -5.78 6.14
N PRO A 137 -24.07 -7.10 5.90
CA PRO A 137 -23.93 -7.94 7.10
C PRO A 137 -22.54 -7.91 7.75
N LEU A 138 -21.51 -7.51 7.00
CA LEU A 138 -20.18 -7.42 7.59
C LEU A 138 -20.12 -6.18 8.48
N LEU A 139 -20.61 -5.07 7.98
CA LEU A 139 -20.67 -3.84 8.77
C LEU A 139 -21.54 -4.01 10.01
N ALA A 140 -22.59 -4.81 9.89
CA ALA A 140 -23.51 -4.99 11.02
C ALA A 140 -22.85 -5.73 12.17
N LEU A 141 -21.74 -6.43 11.93
CA LEU A 141 -21.04 -7.13 12.99
C LEU A 141 -20.21 -6.14 13.81
N LEU A 142 -20.01 -4.96 13.25
CA LEU A 142 -19.26 -3.89 13.92
C LEU A 142 -20.17 -2.82 14.49
N ALA A 143 -21.48 -3.03 14.47
CA ALA A 143 -22.41 -2.01 14.96
C ALA A 143 -22.64 -2.09 16.47
N VAL A 144 -21.61 -1.72 17.23
CA VAL A 144 -21.70 -1.62 18.67
C VAL A 144 -21.23 -0.23 19.10
N PRO A 145 -21.71 0.29 20.23
CA PRO A 145 -21.25 1.63 20.64
C PRO A 145 -19.74 1.73 20.89
N ASP A 146 -19.12 0.69 21.43
CA ASP A 146 -17.67 0.67 21.72
C ASP A 146 -17.01 -0.59 21.18
N LEU A 147 -16.11 -0.41 20.21
CA LEU A 147 -15.41 -1.54 19.59
C LEU A 147 -14.66 -2.39 20.60
N SER A 148 -14.30 -1.78 21.73
CA SER A 148 -13.52 -2.49 22.74
C SER A 148 -14.25 -3.70 23.32
N THR A 149 -15.58 -3.73 23.20
CA THR A 149 -16.33 -4.85 23.75
C THR A 149 -16.25 -6.09 22.87
N LEU A 150 -15.81 -5.92 21.63
CA LEU A 150 -15.68 -7.07 20.72
C LEU A 150 -14.40 -7.81 21.02
N ALA A 151 -14.40 -9.12 20.77
CA ALA A 151 -13.20 -9.91 20.98
C ALA A 151 -12.14 -9.47 19.98
N CYS A 152 -10.92 -9.36 20.48
CA CYS A 152 -9.76 -8.93 19.73
C CYS A 152 -9.58 -9.60 18.36
N GLY A 153 -9.67 -10.94 18.33
CA GLY A 153 -9.43 -11.69 17.12
C GLY A 153 -10.52 -11.48 16.09
N TYR A 154 -11.75 -11.47 16.58
CA TYR A 154 -12.94 -11.16 15.80
C TYR A 154 -12.79 -9.82 15.08
N LEU A 155 -12.42 -8.78 15.83
CA LEU A 155 -12.26 -7.44 15.26
C LEU A 155 -11.13 -7.38 14.23
N ARG A 156 -9.99 -7.98 14.55
CA ARG A 156 -8.86 -8.03 13.60
C ARG A 156 -9.26 -8.69 12.28
N ASN A 157 -10.02 -9.77 12.42
CA ASN A 157 -10.53 -10.54 11.29
C ASN A 157 -11.48 -9.75 10.38
N LEU A 158 -12.45 -9.11 11.01
CA LEU A 158 -13.35 -8.19 10.32
C LEU A 158 -12.62 -7.04 9.64
N THR A 159 -11.66 -6.43 10.33
CA THR A 159 -10.89 -5.35 9.72
C THR A 159 -10.10 -5.81 8.49
N TRP A 160 -9.42 -6.94 8.64
CA TRP A 160 -8.66 -7.50 7.54
C TRP A 160 -9.53 -7.76 6.31
N THR A 161 -10.71 -8.36 6.50
CA THR A 161 -11.62 -8.62 5.38
C THR A 161 -12.15 -7.32 4.73
N LEU A 162 -12.47 -6.32 5.56
CA LEU A 162 -12.90 -5.04 5.04
C LEU A 162 -11.77 -4.46 4.20
N SER A 163 -10.53 -4.64 4.63
CA SER A 163 -9.46 -4.06 3.83
C SER A 163 -9.28 -4.80 2.47
N ASN A 164 -9.57 -6.10 2.41
CA ASN A 164 -9.56 -6.79 1.09
C ASN A 164 -10.69 -6.34 0.14
N LEU A 165 -11.80 -5.87 0.71
CA LEU A 165 -12.90 -5.34 -0.12
C LEU A 165 -12.50 -3.98 -0.70
N CYS A 166 -11.44 -3.40 -0.16
CA CYS A 166 -10.91 -2.11 -0.60
C CYS A 166 -9.72 -2.22 -1.55
N ARG A 167 -9.21 -3.43 -1.75
CA ARG A 167 -7.83 -3.63 -2.12
C ARG A 167 -7.37 -3.47 -3.56
N ASN A 168 -8.02 -4.09 -4.52
CA ASN A 168 -7.34 -4.16 -5.82
C ASN A 168 -7.70 -3.06 -6.83
N LYS A 169 -7.11 -3.15 -8.02
CA LYS A 169 -7.35 -2.16 -9.05
C LYS A 169 -7.67 -2.77 -10.42
N ASN A 170 -8.03 -1.89 -11.36
CA ASN A 170 -8.42 -2.28 -12.71
C ASN A 170 -9.55 -3.32 -12.73
N PRO A 171 -10.75 -2.94 -12.26
CA PRO A 171 -11.06 -1.61 -11.72
C PRO A 171 -10.82 -1.54 -10.22
N ALA A 172 -10.74 -0.32 -9.70
CA ALA A 172 -10.87 -0.04 -8.27
C ALA A 172 -12.25 -0.48 -7.79
N PRO A 173 -12.45 -0.63 -6.47
CA PRO A 173 -13.79 -1.05 -6.01
C PRO A 173 -14.86 -0.02 -6.34
N PRO A 174 -16.13 -0.45 -6.46
CA PRO A 174 -17.23 0.47 -6.82
C PRO A 174 -17.35 1.68 -5.88
N LEU A 175 -17.64 2.85 -6.43
CA LEU A 175 -17.72 4.05 -5.61
C LEU A 175 -18.75 3.90 -4.53
N ASP A 176 -19.83 3.20 -4.85
CA ASP A 176 -20.93 2.98 -3.93
CA ASP A 176 -20.90 3.04 -3.87
C ASP A 176 -20.46 2.21 -2.69
N ALA A 177 -19.69 1.16 -2.95
CA ALA A 177 -19.17 0.29 -1.90
C ALA A 177 -18.16 1.01 -1.02
N VAL A 178 -17.27 1.76 -1.66
CA VAL A 178 -16.28 2.57 -0.96
C VAL A 178 -17.00 3.50 0.03
N GLU A 179 -18.01 4.21 -0.46
CA GLU A 179 -18.72 5.14 0.42
C GLU A 179 -19.41 4.44 1.58
N GLN A 180 -19.85 3.21 1.34
CA GLN A 180 -20.55 2.44 2.35
C GLN A 180 -19.63 2.01 3.47
N ILE A 181 -18.44 1.56 3.09
CA ILE A 181 -17.42 1.05 4.00
C ILE A 181 -16.67 2.14 4.79
N LEU A 182 -16.44 3.28 4.14
CA LEU A 182 -15.55 4.31 4.71
C LEU A 182 -15.84 4.76 6.17
N PRO A 183 -17.13 4.99 6.54
CA PRO A 183 -17.31 5.48 7.91
C PRO A 183 -16.88 4.46 8.98
N THR A 184 -17.03 3.16 8.71
CA THR A 184 -16.56 2.12 9.64
C THR A 184 -15.03 2.05 9.66
N LEU A 185 -14.45 2.17 8.48
CA LEU A 185 -13.01 2.27 8.34
C LEU A 185 -12.40 3.42 9.17
N VAL A 186 -13.01 4.61 9.09
CA VAL A 186 -12.56 5.78 9.85
C VAL A 186 -12.60 5.50 11.36
N ARG A 187 -13.68 4.87 11.80
CA ARG A 187 -13.80 4.38 13.17
C ARG A 187 -12.73 3.35 13.61
N LEU A 188 -12.38 2.43 12.74
CA LEU A 188 -11.38 1.41 13.06
C LEU A 188 -10.00 2.04 13.11
N LEU A 189 -9.82 3.09 12.32
CA LEU A 189 -8.58 3.84 12.27
C LEU A 189 -8.29 4.58 13.60
N HIS A 190 -9.30 4.73 14.46
CA HIS A 190 -8.96 5.21 15.80
C HIS A 190 -9.03 4.14 16.85
N HIS A 191 -8.99 2.87 16.44
CA HIS A 191 -9.18 1.83 17.44
C HIS A 191 -7.85 1.43 18.05
N ASN A 192 -7.79 1.22 19.36
CA ASN A 192 -6.49 0.96 19.98
C ASN A 192 -6.12 -0.52 19.97
N ASP A 193 -5.79 -1.01 18.77
CA ASP A 193 -5.09 -2.28 18.60
C ASP A 193 -4.18 -2.16 17.40
N PRO A 194 -2.89 -2.49 17.58
CA PRO A 194 -1.92 -2.30 16.50
C PRO A 194 -2.28 -3.03 15.20
N GLU A 195 -2.79 -4.24 15.30
CA GLU A 195 -3.17 -4.94 14.07
C GLU A 195 -4.39 -4.32 13.39
N VAL A 196 -5.38 -3.88 14.16
CA VAL A 196 -6.54 -3.21 13.58
C VAL A 196 -6.09 -1.92 12.90
N LEU A 197 -5.20 -1.17 13.55
CA LEU A 197 -4.70 0.08 12.98
C LEU A 197 -3.92 -0.14 11.71
N ALA A 198 -3.12 -1.21 11.68
CA ALA A 198 -2.34 -1.53 10.50
C ALA A 198 -3.24 -1.84 9.29
N ASP A 199 -4.23 -2.71 9.50
CA ASP A 199 -5.11 -3.13 8.42
C ASP A 199 -6.01 -1.99 7.95
N SER A 200 -6.46 -1.16 8.89
CA SER A 200 -7.18 0.08 8.57
C SER A 200 -6.36 1.02 7.71
N CYS A 201 -5.10 1.21 8.11
CA CYS A 201 -4.18 2.00 7.31
C CYS A 201 -3.97 1.39 5.95
N TRP A 202 -3.80 0.06 5.87
CA TRP A 202 -3.69 -0.57 4.55
C TRP A 202 -4.93 -0.26 3.71
N ALA A 203 -6.11 -0.38 4.34
CA ALA A 203 -7.36 -0.10 3.61
C ALA A 203 -7.36 1.34 3.09
N ILE A 204 -6.97 2.29 3.93
CA ILE A 204 -6.88 3.67 3.47
C ILE A 204 -5.87 3.81 2.32
N SER A 205 -4.76 3.07 2.37
CA SER A 205 -3.73 3.23 1.35
C SER A 205 -4.21 2.74 -0.02
N TYR A 206 -4.98 1.66 -0.02
CA TYR A 206 -5.63 1.18 -1.24
C TYR A 206 -6.58 2.21 -1.81
N LEU A 207 -7.43 2.77 -0.97
CA LEU A 207 -8.49 3.69 -1.44
C LEU A 207 -7.92 5.01 -1.95
N THR A 208 -6.73 5.39 -1.47
CA THR A 208 -6.12 6.60 -1.96
C THR A 208 -5.20 6.35 -3.15
N ASP A 209 -5.03 5.08 -3.52
CA ASP A 209 -4.16 4.73 -4.65
C ASP A 209 -4.93 4.85 -5.97
N GLY A 210 -5.11 6.09 -6.44
CA GLY A 210 -5.81 6.30 -7.70
C GLY A 210 -5.96 7.76 -8.04
N PRO A 211 -6.97 8.09 -8.85
CA PRO A 211 -7.23 9.49 -9.21
C PRO A 211 -7.67 10.36 -8.03
N ASN A 212 -7.68 11.68 -8.25
CA ASN A 212 -7.95 12.63 -7.18
C ASN A 212 -9.37 12.53 -6.64
N GLU A 213 -10.34 12.12 -7.45
CA GLU A 213 -11.69 11.93 -6.92
C GLU A 213 -11.73 10.82 -5.88
N ARG A 214 -10.93 9.79 -6.08
CA ARG A 214 -10.83 8.73 -5.06
C ARG A 214 -10.17 9.26 -3.78
N ILE A 215 -9.06 9.97 -3.94
CA ILE A 215 -8.36 10.58 -2.82
C ILE A 215 -9.29 11.50 -2.06
N GLU A 216 -10.10 12.25 -2.81
CA GLU A 216 -10.95 13.26 -2.18
C GLU A 216 -12.01 12.65 -1.28
N MET A 217 -12.63 11.56 -1.72
CA MET A 217 -13.67 10.95 -0.89
C MET A 217 -13.08 10.38 0.40
N VAL A 218 -11.78 10.09 0.39
CA VAL A 218 -11.10 9.71 1.63
C VAL A 218 -10.76 10.93 2.46
N VAL A 219 -10.21 11.95 1.82
CA VAL A 219 -9.75 13.14 2.54
C VAL A 219 -10.92 13.91 3.16
N LYS A 220 -12.05 13.98 2.46
CA LYS A 220 -13.26 14.62 3.02
C LYS A 220 -13.73 13.98 4.32
N LYS A 221 -13.41 12.71 4.52
CA LYS A 221 -13.80 12.02 5.75
C LYS A 221 -12.97 12.47 6.96
N GLY A 222 -11.98 13.32 6.70
CA GLY A 222 -11.23 13.95 7.79
C GLY A 222 -10.11 13.11 8.40
N VAL A 223 -9.63 12.09 7.69
CA VAL A 223 -8.67 11.14 8.25
C VAL A 223 -7.20 11.58 8.21
N VAL A 224 -6.88 12.62 7.47
CA VAL A 224 -5.48 13.01 7.33
C VAL A 224 -4.76 13.26 8.69
N PRO A 225 -5.41 13.96 9.64
CA PRO A 225 -4.75 14.12 10.95
C PRO A 225 -4.44 12.80 11.68
N GLN A 226 -5.35 11.83 11.66
CA GLN A 226 -5.08 10.51 12.24
C GLN A 226 -3.98 9.72 11.50
N LEU A 227 -3.99 9.80 10.18
CA LEU A 227 -2.90 9.24 9.35
C LEU A 227 -1.52 9.78 9.73
N VAL A 228 -1.45 11.09 9.95
CA VAL A 228 -0.19 11.72 10.36
C VAL A 228 0.22 11.25 11.74
N LYS A 229 -0.75 11.14 12.64
CA LYS A 229 -0.48 10.63 13.97
C LYS A 229 0.13 9.21 13.88
N LEU A 230 -0.51 8.36 13.09
CA LEU A 230 -0.04 6.99 12.96
C LEU A 230 1.32 6.96 12.26
N LEU A 231 1.57 7.96 11.44
CA LEU A 231 2.83 8.11 10.73
C LEU A 231 4.01 8.20 11.69
N GLY A 232 3.75 8.75 12.88
CA GLY A 232 4.76 8.79 13.92
C GLY A 232 4.77 7.59 14.88
N ALA A 233 3.92 6.59 14.66
CA ALA A 233 3.90 5.41 15.53
C ALA A 233 5.27 4.71 15.64
N THR A 234 5.45 3.94 16.71
CA THR A 234 6.68 3.19 16.91
C THR A 234 6.66 1.87 16.15
N GLU A 235 5.47 1.37 15.85
CA GLU A 235 5.37 0.08 15.19
C GLU A 235 5.50 0.22 13.67
N LEU A 236 6.53 -0.38 13.12
CA LEU A 236 6.73 -0.43 11.67
C LEU A 236 5.54 -0.98 10.87
N PRO A 237 4.81 -1.99 11.40
CA PRO A 237 3.65 -2.42 10.60
C PRO A 237 2.55 -1.38 10.50
N ILE A 238 2.61 -0.35 11.34
CA ILE A 238 1.68 0.77 11.28
C ILE A 238 2.23 1.91 10.42
N VAL A 239 3.48 2.26 10.63
CA VAL A 239 4.07 3.36 9.88
C VAL A 239 4.07 3.10 8.37
N THR A 240 4.36 1.85 7.98
CA THR A 240 4.52 1.52 6.57
C THR A 240 3.26 1.86 5.75
N PRO A 241 2.07 1.42 6.20
CA PRO A 241 0.91 1.82 5.38
C PRO A 241 0.40 3.24 5.59
N ALA A 242 0.56 3.78 6.81
CA ALA A 242 0.29 5.19 7.02
C ALA A 242 1.09 6.02 6.03
N LEU A 243 2.35 5.66 5.83
CA LEU A 243 3.21 6.42 4.93
C LEU A 243 2.83 6.22 3.47
N ARG A 244 2.40 5.01 3.14
CA ARG A 244 1.89 4.74 1.80
C ARG A 244 0.65 5.60 1.50
N ALA A 245 -0.28 5.61 2.44
CA ALA A 245 -1.50 6.41 2.33
C ALA A 245 -1.16 7.91 2.18
N ILE A 246 -0.25 8.40 3.01
CA ILE A 246 0.14 9.80 2.92
C ILE A 246 0.79 10.12 1.59
N GLY A 247 1.65 9.22 1.12
CA GLY A 247 2.32 9.35 -0.16
C GLY A 247 1.32 9.39 -1.31
N ASN A 248 0.32 8.51 -1.26
CA ASN A 248 -0.73 8.52 -2.26
C ASN A 248 -1.44 9.85 -2.29
N ILE A 249 -1.81 10.36 -1.11
CA ILE A 249 -2.59 11.60 -0.99
C ILE A 249 -1.89 12.86 -1.55
N VAL A 250 -0.57 12.95 -1.37
CA VAL A 250 0.15 14.09 -1.95
C VAL A 250 0.42 13.92 -3.45
N THR A 251 -0.06 12.84 -4.07
CA THR A 251 -0.02 12.78 -5.53
C THR A 251 -1.24 13.50 -6.10
N GLY A 252 -2.11 13.97 -5.20
CA GLY A 252 -3.34 14.64 -5.60
C GLY A 252 -3.14 16.14 -5.81
N THR A 253 -4.18 16.91 -5.50
CA THR A 253 -4.18 18.33 -5.79
C THR A 253 -3.31 19.08 -4.80
N ASP A 254 -3.09 20.37 -5.09
CA ASP A 254 -2.33 21.21 -4.18
C ASP A 254 -3.09 21.31 -2.86
N GLU A 255 -4.42 21.33 -2.98
CA GLU A 255 -5.30 21.42 -1.84
C GLU A 255 -5.26 20.17 -0.97
N GLN A 256 -5.27 19.00 -1.61
CA GLN A 256 -5.16 17.73 -0.90
C GLN A 256 -3.80 17.63 -0.19
N THR A 257 -2.76 18.08 -0.87
CA THR A 257 -1.39 18.10 -0.32
C THR A 257 -1.30 19.02 0.90
N GLN A 258 -1.92 20.19 0.81
CA GLN A 258 -1.90 21.16 1.90
C GLN A 258 -2.50 20.61 3.19
N LYS A 259 -3.49 19.73 3.05
CA LYS A 259 -4.12 19.16 4.23
C LYS A 259 -3.12 18.26 4.97
N VAL A 260 -2.30 17.56 4.22
CA VAL A 260 -1.25 16.72 4.78
C VAL A 260 -0.23 17.59 5.57
N ILE A 261 0.14 18.72 4.98
CA ILE A 261 1.02 19.66 5.64
C ILE A 261 0.34 20.30 6.84
N ASP A 262 -0.91 20.72 6.69
CA ASP A 262 -1.59 21.38 7.81
C ASP A 262 -1.67 20.46 9.02
N ALA A 263 -1.82 19.17 8.78
CA ALA A 263 -1.95 18.20 9.86
C ALA A 263 -0.59 17.90 10.52
N GLY A 264 0.50 18.43 9.97
CA GLY A 264 1.79 18.40 10.64
C GLY A 264 2.71 17.27 10.18
N ALA A 265 2.46 16.75 8.99
CA ALA A 265 3.23 15.63 8.49
C ALA A 265 4.72 15.99 8.39
N LEU A 266 5.03 17.19 7.92
CA LEU A 266 6.43 17.51 7.67
C LEU A 266 7.31 17.35 8.93
N ALA A 267 6.74 17.44 10.13
CA ALA A 267 7.57 17.34 11.34
C ALA A 267 8.12 15.92 11.59
N VAL A 268 7.58 14.94 10.86
CA VAL A 268 7.90 13.53 11.07
C VAL A 268 9.05 13.14 10.17
N PHE A 269 9.28 13.93 9.14
CA PHE A 269 10.17 13.50 8.07
C PHE A 269 11.67 13.51 8.36
N PRO A 270 12.14 14.31 9.34
CA PRO A 270 13.58 14.12 9.62
C PRO A 270 13.86 12.68 10.03
N SER A 271 12.97 12.08 10.81
CA SER A 271 13.11 10.68 11.20
C SER A 271 12.85 9.73 10.01
N LEU A 272 11.85 10.05 9.19
CA LEU A 272 11.51 9.15 8.08
C LEU A 272 12.63 9.14 7.04
N LEU A 273 13.22 10.30 6.77
CA LEU A 273 14.26 10.39 5.76
C LEU A 273 15.59 9.80 6.21
N THR A 274 15.71 9.50 7.50
CA THR A 274 16.87 8.78 8.04
C THR A 274 16.48 7.42 8.65
N ASN A 275 15.28 6.90 8.32
CA ASN A 275 14.83 5.65 8.93
C ASN A 275 15.72 4.45 8.52
N PRO A 276 16.05 3.60 9.49
CA PRO A 276 16.88 2.41 9.20
C PRO A 276 16.21 1.37 8.31
N LYS A 277 14.89 1.43 8.15
CA LYS A 277 14.23 0.54 7.19
C LYS A 277 14.23 1.17 5.81
N THR A 278 14.92 0.52 4.88
CA THR A 278 15.06 1.01 3.49
C THR A 278 13.78 1.43 2.78
N ASN A 279 12.71 0.63 2.89
CA ASN A 279 11.46 0.97 2.23
CA ASN A 279 11.49 0.99 2.19
C ASN A 279 10.80 2.22 2.81
N ILE A 280 11.06 2.51 4.07
CA ILE A 280 10.44 3.69 4.71
C ILE A 280 11.13 4.96 4.21
N GLN A 281 12.44 4.92 4.18
CA GLN A 281 13.23 6.01 3.64
C GLN A 281 12.89 6.28 2.17
N LYS A 282 12.72 5.21 1.39
CA LYS A 282 12.40 5.32 -0.02
C LYS A 282 11.06 6.01 -0.21
N GLU A 283 10.05 5.50 0.48
CA GLU A 283 8.69 6.02 0.32
C GLU A 283 8.57 7.41 0.94
N ALA A 284 9.37 7.71 1.96
CA ALA A 284 9.36 9.06 2.53
C ALA A 284 9.91 10.03 1.49
N THR A 285 10.94 9.60 0.78
CA THR A 285 11.59 10.44 -0.20
C THR A 285 10.65 10.62 -1.40
N TRP A 286 10.01 9.54 -1.83
CA TRP A 286 8.98 9.63 -2.86
C TRP A 286 7.91 10.64 -2.45
N THR A 287 7.42 10.53 -1.21
CA THR A 287 6.43 11.48 -0.70
C THR A 287 6.94 12.92 -0.83
N MET A 288 8.20 13.13 -0.45
CA MET A 288 8.78 14.48 -0.54
C MET A 288 8.85 14.97 -1.99
N SER A 289 9.14 14.08 -2.93
CA SER A 289 9.25 14.46 -4.34
C SER A 289 7.91 15.00 -4.85
N ASN A 290 6.82 14.44 -4.35
CA ASN A 290 5.52 14.98 -4.70
C ASN A 290 5.21 16.28 -3.97
N ILE A 291 5.73 16.48 -2.77
CA ILE A 291 5.49 17.74 -2.07
C ILE A 291 6.29 18.86 -2.76
N THR A 292 7.48 18.56 -3.30
CA THR A 292 8.25 19.63 -3.93
C THR A 292 7.75 19.92 -5.36
N ALA A 293 6.87 19.07 -5.86
CA ALA A 293 6.21 19.33 -7.12
C ALA A 293 4.99 20.23 -6.93
N GLY A 294 4.80 20.72 -5.70
CA GLY A 294 3.64 21.54 -5.38
C GLY A 294 3.85 23.03 -5.59
N ARG A 295 3.07 23.83 -4.87
CA ARG A 295 3.16 25.27 -5.00
C ARG A 295 4.42 25.81 -4.35
N GLN A 296 4.85 26.98 -4.81
CA GLN A 296 5.97 27.68 -4.18
C GLN A 296 5.82 27.85 -2.67
N ASP A 297 4.63 28.13 -2.18
CA ASP A 297 4.46 28.27 -0.74
C ASP A 297 4.56 26.93 -0.02
N GLN A 298 4.35 25.82 -0.72
CA GLN A 298 4.48 24.49 -0.12
C GLN A 298 5.95 24.07 -0.13
N ILE A 299 6.67 24.43 -1.20
CA ILE A 299 8.12 24.31 -1.20
C ILE A 299 8.69 25.07 -0.02
N GLN A 300 8.16 26.26 0.23
CA GLN A 300 8.62 27.08 1.34
C GLN A 300 8.39 26.43 2.71
N GLN A 301 7.35 25.61 2.83
CA GLN A 301 7.10 24.96 4.12
C GLN A 301 8.10 23.83 4.34
N VAL A 302 8.54 23.22 3.24
CA VAL A 302 9.59 22.23 3.28
C VAL A 302 10.91 22.88 3.73
N VAL A 303 11.25 24.01 3.12
CA VAL A 303 12.37 24.83 3.60
C VAL A 303 12.24 25.17 5.08
N ASN A 304 11.13 25.78 5.48
CA ASN A 304 10.90 26.18 6.87
C ASN A 304 11.07 25.06 7.88
N HIS A 305 10.72 23.85 7.48
CA HIS A 305 10.74 22.71 8.39
C HIS A 305 12.13 22.08 8.47
N GLY A 306 13.08 22.62 7.71
CA GLY A 306 14.45 22.18 7.79
C GLY A 306 14.68 20.89 7.05
N LEU A 307 13.86 20.63 6.04
CA LEU A 307 13.92 19.36 5.35
C LEU A 307 14.88 19.33 4.22
N VAL A 308 15.29 20.49 3.70
CA VAL A 308 16.22 20.50 2.57
C VAL A 308 17.56 19.81 2.93
N PRO A 309 18.14 20.10 4.11
CA PRO A 309 19.34 19.35 4.49
C PRO A 309 19.21 17.81 4.49
N PHE A 310 18.04 17.31 4.87
CA PHE A 310 17.74 15.89 4.85
C PHE A 310 17.64 15.36 3.42
N LEU A 311 17.04 16.14 2.53
CA LEU A 311 17.10 15.79 1.11
C LEU A 311 18.53 15.77 0.59
N VAL A 312 19.34 16.73 1.00
CA VAL A 312 20.74 16.69 0.58
C VAL A 312 21.39 15.38 1.06
N GLY A 313 21.04 14.97 2.28
CA GLY A 313 21.59 13.76 2.86
C GLY A 313 21.24 12.47 2.14
N VAL A 314 19.97 12.33 1.76
CA VAL A 314 19.50 11.13 1.07
C VAL A 314 20.16 11.03 -0.29
N LEU A 315 20.30 12.17 -0.96
CA LEU A 315 21.02 12.24 -2.23
C LEU A 315 22.49 11.83 -2.09
N SER A 316 23.10 12.22 -0.97
CA SER A 316 24.52 11.96 -0.72
C SER A 316 24.76 10.47 -0.47
N LYS A 317 23.88 9.86 0.32
CA LYS A 317 24.04 8.47 0.67
C LYS A 317 22.68 7.87 1.01
N ALA A 318 22.34 6.81 0.28
CA ALA A 318 21.10 6.06 0.48
C ALA A 318 21.15 4.86 -0.46
N ASP A 319 20.22 3.94 -0.28
CA ASP A 319 19.97 2.92 -1.29
C ASP A 319 19.75 3.65 -2.61
N PHE A 320 20.24 3.10 -3.71
CA PHE A 320 20.16 3.82 -4.98
C PHE A 320 18.73 4.21 -5.39
N LYS A 321 17.77 3.35 -5.09
CA LYS A 321 16.36 3.61 -5.38
C LYS A 321 15.90 4.86 -4.64
N THR A 322 16.41 5.00 -3.43
CA THR A 322 16.05 6.14 -2.59
C THR A 322 16.69 7.37 -3.22
N GLN A 323 17.94 7.25 -3.67
CA GLN A 323 18.62 8.40 -4.27
C GLN A 323 17.96 8.83 -5.55
N LYS A 324 17.32 7.90 -6.25
CA LYS A 324 16.61 8.26 -7.46
C LYS A 324 15.37 9.09 -7.08
N GLU A 325 14.71 8.71 -6.00
CA GLU A 325 13.57 9.50 -5.52
C GLU A 325 14.03 10.88 -5.05
N ALA A 326 15.22 10.95 -4.45
CA ALA A 326 15.72 12.24 -4.00
C ALA A 326 16.03 13.13 -5.21
N ALA A 327 16.55 12.52 -6.26
CA ALA A 327 16.83 13.25 -7.51
C ALA A 327 15.56 13.88 -8.07
N TRP A 328 14.46 13.11 -8.09
CA TRP A 328 13.17 13.66 -8.51
C TRP A 328 12.73 14.81 -7.62
N ALA A 329 12.89 14.63 -6.31
CA ALA A 329 12.48 15.66 -5.37
C ALA A 329 13.21 16.97 -5.70
N ILE A 330 14.47 16.85 -6.10
CA ILE A 330 15.23 18.06 -6.42
C ILE A 330 14.81 18.71 -7.74
N THR A 331 14.60 17.90 -8.77
CA THR A 331 14.18 18.45 -10.05
C THR A 331 12.85 19.18 -9.91
N ASN A 332 11.90 18.56 -9.21
CA ASN A 332 10.61 19.19 -8.97
C ASN A 332 10.75 20.48 -8.16
N TYR A 333 11.61 20.45 -7.13
CA TYR A 333 11.90 21.63 -6.33
C TYR A 333 12.45 22.74 -7.22
N THR A 334 13.40 22.40 -8.08
CA THR A 334 14.06 23.43 -8.88
C THR A 334 13.15 23.93 -10.02
N SER A 335 12.25 23.08 -10.52
CA SER A 335 11.35 23.52 -11.58
C SER A 335 10.32 24.51 -11.03
N GLY A 336 9.82 24.27 -9.83
CA GLY A 336 8.77 25.10 -9.27
C GLY A 336 9.18 26.17 -8.26
N GLY A 337 10.41 26.09 -7.75
CA GLY A 337 10.78 27.00 -6.69
C GLY A 337 11.15 28.39 -7.17
N THR A 338 11.14 29.36 -6.25
CA THR A 338 11.59 30.72 -6.52
C THR A 338 13.10 30.78 -6.66
N VAL A 339 13.63 31.89 -7.19
CA VAL A 339 15.08 32.02 -7.32
C VAL A 339 15.74 31.85 -5.95
N GLU A 340 15.14 32.45 -4.92
CA GLU A 340 15.79 32.43 -3.63
C GLU A 340 15.64 31.04 -2.97
N GLN A 341 14.61 30.29 -3.35
CA GLN A 341 14.49 28.92 -2.86
C GLN A 341 15.56 28.05 -3.51
N ILE A 342 15.85 28.29 -4.78
CA ILE A 342 16.89 27.54 -5.46
C ILE A 342 18.29 27.95 -4.95
N VAL A 343 18.44 29.20 -4.50
CA VAL A 343 19.73 29.66 -3.97
C VAL A 343 19.99 28.97 -2.64
N TYR A 344 18.94 28.89 -1.82
CA TYR A 344 19.01 28.22 -0.53
C TYR A 344 19.40 26.76 -0.73
N LEU A 345 18.81 26.13 -1.73
CA LEU A 345 19.10 24.74 -2.06
C LEU A 345 20.59 24.50 -2.31
N VAL A 346 21.19 25.40 -3.09
CA VAL A 346 22.62 25.32 -3.37
C VAL A 346 23.43 25.62 -2.11
N HIS A 347 22.95 26.53 -1.28
CA HIS A 347 23.63 26.84 -0.02
C HIS A 347 23.63 25.66 0.97
N CYS A 348 22.71 24.72 0.81
CA CYS A 348 22.69 23.56 1.71
C CYS A 348 23.63 22.46 1.24
N GLY A 349 24.17 22.63 0.04
CA GLY A 349 25.13 21.71 -0.52
C GLY A 349 24.66 20.72 -1.58
N ILE A 350 23.62 21.05 -2.31
CA ILE A 350 23.07 20.11 -3.29
C ILE A 350 23.99 19.73 -4.48
N ILE A 351 24.88 20.63 -4.88
CA ILE A 351 25.61 20.45 -6.14
C ILE A 351 26.49 19.18 -6.19
N GLU A 352 27.36 18.99 -5.19
CA GLU A 352 28.27 17.85 -5.20
C GLU A 352 27.55 16.49 -5.21
N PRO A 353 26.56 16.28 -4.31
CA PRO A 353 25.90 14.98 -4.37
C PRO A 353 25.14 14.80 -5.69
N LEU A 354 24.60 15.89 -6.23
CA LEU A 354 23.91 15.84 -7.52
C LEU A 354 24.85 15.40 -8.65
N MET A 355 26.03 16.01 -8.70
CA MET A 355 27.04 15.65 -9.70
C MET A 355 27.53 14.22 -9.53
N ASN A 356 27.70 13.78 -8.29
CA ASN A 356 28.20 12.43 -8.02
C ASN A 356 27.31 11.34 -8.60
N LEU A 357 26.01 11.64 -8.71
CA LEU A 357 25.06 10.68 -9.23
C LEU A 357 24.99 10.68 -10.76
N LEU A 358 25.79 11.54 -11.39
CA LEU A 358 25.91 11.51 -12.84
C LEU A 358 26.75 10.30 -13.24
N SER A 359 27.31 9.64 -12.23
CA SER A 359 28.12 8.44 -12.43
C SER A 359 27.26 7.19 -12.55
N ALA A 360 25.96 7.32 -12.27
CA ALA A 360 25.09 6.16 -12.17
C ALA A 360 24.78 5.58 -13.55
N LYS A 361 24.75 4.24 -13.63
CA LYS A 361 24.55 3.53 -14.90
C LYS A 361 23.01 3.38 -15.24
N ASP A 362 22.22 4.39 -14.90
CA ASP A 362 20.78 4.50 -15.29
C ASP A 362 20.39 5.80 -15.97
N THR A 363 19.92 5.70 -17.22
CA THR A 363 19.61 6.87 -18.05
C THR A 363 18.57 7.83 -17.45
N LYS A 364 17.52 7.26 -16.85
CA LYS A 364 16.41 8.03 -16.31
C LYS A 364 16.85 9.07 -15.28
N ILE A 365 17.70 8.66 -14.34
CA ILE A 365 18.13 9.57 -13.30
C ILE A 365 19.10 10.63 -13.86
N ILE A 366 19.81 10.29 -14.93
CA ILE A 366 20.75 11.25 -15.50
C ILE A 366 19.99 12.41 -16.14
N GLN A 367 18.91 12.10 -16.85
CA GLN A 367 18.05 13.12 -17.45
C GLN A 367 17.40 13.98 -16.38
N VAL A 368 17.01 13.35 -15.27
CA VAL A 368 16.42 14.05 -14.15
C VAL A 368 17.41 15.05 -13.54
N ILE A 369 18.65 14.62 -13.34
CA ILE A 369 19.72 15.46 -12.76
C ILE A 369 20.16 16.59 -13.70
N LEU A 370 20.35 16.26 -14.98
CA LEU A 370 20.63 17.27 -16.01
C LEU A 370 19.53 18.32 -16.03
N ASP A 371 18.28 17.86 -16.04
CA ASP A 371 17.11 18.72 -15.87
C ASP A 371 17.29 19.67 -14.70
N ALA A 372 17.58 19.11 -13.52
CA ALA A 372 17.73 19.93 -12.32
C ALA A 372 18.85 20.97 -12.48
N ILE A 373 19.98 20.54 -13.04
CA ILE A 373 21.12 21.43 -13.23
C ILE A 373 20.74 22.63 -14.10
N SER A 374 20.04 22.34 -15.19
CA SER A 374 19.53 23.38 -16.08
C SER A 374 18.63 24.36 -15.31
N ASN A 375 17.72 23.83 -14.48
CA ASN A 375 16.85 24.67 -13.66
C ASN A 375 17.64 25.61 -12.75
N ILE A 376 18.76 25.12 -12.25
CA ILE A 376 19.56 25.88 -11.30
C ILE A 376 20.36 26.96 -12.02
N PHE A 377 20.84 26.64 -13.23
CA PHE A 377 21.49 27.65 -14.06
C PHE A 377 20.49 28.74 -14.43
N GLN A 378 19.24 28.35 -14.66
CA GLN A 378 18.18 29.30 -14.97
C GLN A 378 17.98 30.29 -13.82
N ALA A 379 18.06 29.80 -12.59
CA ALA A 379 17.96 30.69 -11.44
C ALA A 379 19.18 31.60 -11.40
N ALA A 380 20.33 31.04 -11.78
CA ALA A 380 21.61 31.75 -11.73
C ALA A 380 21.70 32.82 -12.81
N GLU A 381 21.02 32.59 -13.94
CA GLU A 381 20.98 33.56 -15.02
C GLU A 381 20.25 34.84 -14.60
N LYS A 382 19.15 34.69 -13.87
CA LYS A 382 18.40 35.85 -13.40
C LYS A 382 19.15 36.60 -12.31
N LEU A 383 20.21 35.99 -11.78
CA LEU A 383 21.07 36.65 -10.80
C LEU A 383 22.43 36.98 -11.40
N GLY A 384 22.63 36.62 -12.67
CA GLY A 384 23.90 36.81 -13.34
C GLY A 384 25.02 36.12 -12.59
N GLU A 385 24.80 34.85 -12.27
CA GLU A 385 25.68 34.11 -11.36
C GLU A 385 26.17 32.82 -11.98
N THR A 386 26.01 32.69 -13.30
CA THR A 386 26.30 31.42 -13.96
C THR A 386 27.77 31.02 -13.85
N GLU A 387 28.67 31.99 -13.75
CA GLU A 387 30.09 31.67 -13.68
C GLU A 387 30.45 31.12 -12.29
N LYS A 388 29.97 31.78 -11.25
CA LYS A 388 30.18 31.31 -9.89
C LYS A 388 29.65 29.89 -9.75
N LEU A 389 28.55 29.63 -10.43
CA LEU A 389 27.91 28.31 -10.44
C LEU A 389 28.73 27.30 -11.24
N SER A 390 29.24 27.73 -12.38
CA SER A 390 30.06 26.86 -13.21
C SER A 390 31.31 26.42 -12.46
N ILE A 391 31.91 27.35 -11.73
CA ILE A 391 33.12 27.05 -10.98
C ILE A 391 32.87 25.99 -9.93
N MET A 392 31.77 26.17 -9.18
CA MET A 392 31.34 25.19 -8.17
C MET A 392 31.23 23.80 -8.76
N ILE A 393 30.58 23.71 -9.91
CA ILE A 393 30.39 22.42 -10.58
C ILE A 393 31.74 21.88 -11.04
N GLU A 394 32.59 22.75 -11.59
CA GLU A 394 33.94 22.36 -12.02
C GLU A 394 34.79 21.83 -10.87
N GLU A 395 34.83 22.59 -9.78
CA GLU A 395 35.71 22.25 -8.66
C GLU A 395 35.40 20.89 -8.02
N CYS A 396 34.14 20.51 -7.94
CA CYS A 396 33.80 19.20 -7.35
C CYS A 396 33.82 18.07 -8.37
N GLY A 397 34.39 18.34 -9.55
CA GLY A 397 34.51 17.32 -10.57
C GLY A 397 33.24 17.07 -11.36
N GLY A 398 32.38 18.08 -11.43
CA GLY A 398 31.13 17.95 -12.14
C GLY A 398 31.28 18.13 -13.64
N LEU A 399 32.28 18.90 -14.04
CA LEU A 399 32.53 19.13 -15.46
C LEU A 399 32.87 17.82 -16.17
N ASP A 400 33.80 17.07 -15.59
CA ASP A 400 34.23 15.80 -16.18
C ASP A 400 33.07 14.81 -16.31
N LYS A 401 32.11 14.90 -15.40
CA LYS A 401 30.93 14.06 -15.47
C LYS A 401 30.06 14.43 -16.65
N ILE A 402 29.96 15.73 -16.92
CA ILE A 402 29.03 16.21 -17.93
C ILE A 402 29.53 16.00 -19.36
N GLU A 403 30.81 16.30 -19.62
CA GLU A 403 31.32 16.14 -20.99
C GLU A 403 31.44 14.66 -21.35
N ALA A 404 31.69 13.83 -20.35
CA ALA A 404 31.66 12.38 -20.55
C ALA A 404 30.31 11.96 -21.13
N LEU A 405 29.25 12.63 -20.68
CA LEU A 405 27.89 12.28 -21.09
C LEU A 405 27.48 12.80 -22.47
N GLN A 406 28.34 13.57 -23.14
CA GLN A 406 28.04 13.97 -24.53
C GLN A 406 28.21 12.74 -25.39
N ARG A 407 29.27 11.99 -25.09
CA ARG A 407 29.56 10.73 -25.76
C ARG A 407 28.85 9.60 -25.02
N HIS A 408 27.53 9.59 -25.10
CA HIS A 408 26.70 8.73 -24.29
C HIS A 408 25.65 8.04 -25.19
N GLU A 409 25.27 6.83 -24.78
CA GLU A 409 24.32 5.99 -25.50
C GLU A 409 23.08 6.74 -26.01
N ASN A 410 22.28 7.28 -25.09
CA ASN A 410 21.00 7.84 -25.43
C ASN A 410 21.11 9.26 -25.98
N GLU A 411 20.14 9.63 -26.81
CA GLU A 411 20.24 10.87 -27.58
C GLU A 411 19.92 12.12 -26.75
N SER A 412 18.86 12.05 -25.95
CA SER A 412 18.37 13.23 -25.25
C SER A 412 19.30 13.69 -24.11
N VAL A 413 20.19 12.80 -23.68
CA VAL A 413 21.23 13.19 -22.74
C VAL A 413 22.43 13.83 -23.43
N TYR A 414 22.92 13.21 -24.51
CA TYR A 414 23.90 13.85 -25.37
C TYR A 414 23.45 15.28 -25.61
N LYS A 415 22.28 15.44 -26.24
CA LYS A 415 21.70 16.75 -26.52
C LYS A 415 21.66 17.67 -25.30
N ALA A 416 21.09 17.18 -24.21
CA ALA A 416 20.96 17.98 -22.98
C ALA A 416 22.32 18.29 -22.39
N SER A 417 23.20 17.31 -22.45
CA SER A 417 24.57 17.54 -22.01
C SER A 417 25.22 18.61 -22.87
N LEU A 418 25.21 18.41 -24.18
CA LEU A 418 25.93 19.31 -25.10
C LEU A 418 25.52 20.75 -24.88
N ASN A 419 24.21 20.98 -24.78
CA ASN A 419 23.68 22.32 -24.51
C ASN A 419 24.39 22.95 -23.30
N LEU A 420 24.43 22.21 -22.19
CA LEU A 420 25.05 22.68 -20.95
C LEU A 420 26.50 23.11 -21.13
N ILE A 421 27.30 22.29 -21.80
CA ILE A 421 28.71 22.60 -22.02
C ILE A 421 28.89 23.86 -22.87
N GLU A 422 28.26 23.87 -24.04
CA GLU A 422 28.35 24.99 -24.96
C GLU A 422 27.85 26.28 -24.32
N LYS A 423 26.88 26.16 -23.43
CA LYS A 423 26.17 27.33 -22.94
C LYS A 423 26.81 27.98 -21.71
N TYR A 424 27.32 27.18 -20.78
CA TYR A 424 27.83 27.73 -19.52
C TYR A 424 29.30 27.41 -19.28
N PHE A 425 29.89 26.61 -20.16
CA PHE A 425 31.29 26.23 -19.97
C PHE A 425 32.14 26.59 -21.20
N SER A 426 32.77 27.76 -21.13
CA SER A 426 33.71 28.26 -22.15
C SER A 426 33.18 28.18 -23.57
N01 RH2 B . 4.20 17.48 -13.13
C02 RH2 B . 3.29 16.67 -12.57
C03 RH2 B . 3.73 15.66 -11.46
C04 RH2 B . 2.54 15.18 -10.51
C05 RH2 B . 2.66 15.88 -9.14
C06 RH2 B . 1.42 15.77 -8.20
C07 RH2 B . 1.68 16.96 -7.22
N08 RH2 B . 0.91 16.98 -5.95
N09 RH2 B . 4.94 16.24 -10.78
C10 RH2 B . 6.19 15.68 -11.29
C11 RH2 B . 6.41 14.40 -10.51
C12 RH2 B . 5.88 14.05 -9.17
C13 RH2 B . 6.69 12.92 -8.61
C14 RH2 B . 7.40 12.24 -9.74
C15 RH2 B . 8.17 11.12 -9.60
C16 RH2 B . 8.50 10.41 -10.76
C17 RH2 B . 9.29 9.27 -10.69
C18 RH2 B . 9.77 8.86 -9.45
N19 RH2 B . 9.46 9.58 -8.27
C20 RH2 B . 8.63 10.72 -8.34
S21 RH2 B . 7.21 13.11 -11.12
O22 RH2 B . 2.12 16.67 -12.97
N01 RH2 C . 3.95 9.01 -12.68
C02 RH2 C . 4.61 7.89 -12.35
C03 RH2 C . 6.08 7.76 -12.91
C04 RH2 C . 6.27 6.77 -14.07
C05 RH2 C . 5.32 6.94 -15.26
C06 RH2 C . 4.77 5.57 -15.77
C07 RH2 C . 5.70 4.36 -15.52
N08 RH2 C . 7.08 4.69 -15.94
N09 RH2 C . 7.03 7.36 -11.80
C10 RH2 C . 7.01 5.92 -11.49
C11 RH2 C . 7.64 5.72 -10.14
C12 RH2 C . 8.94 5.06 -9.90
C13 RH2 C . 9.26 5.28 -8.46
C14 RH2 C . 7.98 5.48 -7.71
C15 RH2 C . 7.69 4.95 -6.45
C16 RH2 C . 8.75 4.71 -5.55
C17 RH2 C . 8.49 4.16 -4.31
C18 RH2 C . 7.20 3.82 -3.97
N19 RH2 C . 6.13 4.04 -4.84
C20 RH2 C . 6.37 4.61 -6.10
S21 RH2 C . 6.96 6.20 -8.73
O22 RH2 C . 4.09 7.03 -11.63
#